data_4YW8
#
_entry.id   4YW8
#
_cell.length_a   44.540
_cell.length_b   119.422
_cell.length_c   60.488
_cell.angle_alpha   90.00
_cell.angle_beta   110.24
_cell.angle_gamma   90.00
#
_symmetry.space_group_name_H-M   'P 1 21 1'
#
loop_
_entity.id
_entity.type
_entity.pdbx_description
1 polymer 'Phosphoenolpyruvate carboxykinase, cytosolic [GTP]'
2 non-polymer 'MANGANESE (II) ION'
3 non-polymer 'SODIUM ION'
4 non-polymer '3-sulfanylpyridine-2-carboxylic acid'
5 non-polymer METHANOL
6 non-polymer 1,2-ETHANEDIOL
7 non-polymer METHANETHIOL
8 water water
#
_entity_poly.entity_id   1
_entity_poly.type   'polypeptide(L)'
_entity_poly.pdbx_seq_one_letter_code
;GSMPPQLHNGLDFSAKVIQGSLDSLPQEVRKFVEGNAQLCQPEYIHICDGSEEEYGRLLAHMQEEGVIRKLKKYDNCWLA
LTDPRDVARIESKTVIITQEQRDTVPIPKSGQSQLGRWMSEEDFEKAFNARFPGCMKGRTMYVIPFSMGPLGSPLAKIGI
ELTDSPYVVASMRIMTRMGTSVLEALGDGEFIKCLHSVGCPLPLKKPLVNNWACNPELTLIAHLPDRREIISFGSGYGGN
SLLGKKCFALRIASRLAKEEGWLAEHMLILGITNPEGKKKYLAAAFPSACGKTNLAMMNPTLPGWKVECVGDDIAWMKFD
AQGNLRAINPENGFFGVAPGTSVKTNPNAIKTIQKNTIFTNVAETSDGGVYWEGIDEPLAPGVTITSWKNKEWRPQDEEP
CAHPNSRFCTPASQCPIIDPAWESPEGVPIEGIIFGGRRPAGVPLVYEALSWQHGVFVGAAMRSEATAAAEHKGKVIMHD
PFAMRPFFGYNFGKYLAHWLSMAHRPAAKLPKIFHVNWFRKDKNGKFLWPGFGENSRVLEWMFGRIEGEDSAKLTPIGYV
PKEDALNLKGLGDVNVEELFGISKEFWEKEVEEIDKYLEDQVNADLPYEIERELRALKQRISQM
;
_entity_poly.pdbx_strand_id   A
#
# COMPACT_ATOMS: atom_id res chain seq x y z
N GLY A 1 -4.25 -33.34 3.47
CA GLY A 1 -3.62 -33.98 4.66
C GLY A 1 -4.46 -35.10 5.26
N SER A 2 -3.95 -35.77 6.28
CA SER A 2 -4.61 -36.95 6.85
C SER A 2 -5.65 -36.58 7.92
N MET A 3 -6.58 -37.50 8.12
CA MET A 3 -7.70 -37.33 9.06
C MET A 3 -7.18 -37.24 10.49
N PRO A 4 -7.64 -36.21 11.24
CA PRO A 4 -7.18 -36.16 12.63
C PRO A 4 -7.69 -37.35 13.44
N PRO A 5 -6.82 -37.95 14.30
CA PRO A 5 -7.37 -38.91 15.25
C PRO A 5 -8.34 -38.17 16.19
N GLN A 6 -9.24 -38.93 16.85
CA GLN A 6 -10.25 -38.33 17.72
C GLN A 6 -11.00 -39.42 18.46
N LEU A 7 -11.45 -39.14 19.66
CA LEU A 7 -12.29 -40.12 20.39
C LEU A 7 -13.77 -39.95 20.07
N HIS A 8 -14.11 -38.80 19.48
CA HIS A 8 -15.46 -38.50 19.12
C HIS A 8 -15.55 -38.06 17.65
N ASN A 9 -16.26 -36.96 17.37
CA ASN A 9 -16.57 -36.60 15.98
C ASN A 9 -16.48 -35.12 15.69
N GLY A 10 -15.70 -34.42 16.52
CA GLY A 10 -15.62 -32.97 16.51
C GLY A 10 -14.41 -32.38 15.80
N LEU A 11 -13.42 -33.22 15.43
CA LEU A 11 -12.15 -32.68 14.93
C LEU A 11 -11.97 -32.73 13.42
N ASP A 12 -12.56 -33.72 12.76
CA ASP A 12 -12.41 -33.89 11.31
C ASP A 12 -13.52 -33.07 10.63
N PHE A 13 -13.16 -32.05 9.86
CA PHE A 13 -14.14 -31.16 9.23
C PHE A 13 -14.41 -31.51 7.76
N SER A 14 -13.94 -32.69 7.31
CA SER A 14 -14.14 -33.10 5.94
C SER A 14 -15.58 -33.00 5.44
N ALA A 15 -16.52 -33.42 6.27
CA ALA A 15 -17.96 -33.40 5.91
C ALA A 15 -18.56 -31.99 5.68
N LYS A 16 -17.84 -30.93 6.11
CA LYS A 16 -18.30 -29.56 5.93
C LYS A 16 -17.67 -28.81 4.78
N VAL A 17 -16.90 -29.53 3.97
CA VAL A 17 -16.24 -28.91 2.85
C VAL A 17 -17.19 -28.90 1.64
N ILE A 18 -17.39 -27.74 1.06
CA ILE A 18 -18.32 -27.56 -0.06
C ILE A 18 -17.67 -27.24 -1.37
N GLN A 19 -16.36 -27.01 -1.31
CA GLN A 19 -15.54 -27.03 -2.50
C GLN A 19 -14.15 -27.44 -2.13
N GLY A 20 -13.58 -28.37 -2.92
CA GLY A 20 -12.28 -28.86 -2.62
C GLY A 20 -12.29 -30.07 -1.71
N SER A 21 -11.14 -30.35 -1.11
CA SER A 21 -10.91 -31.54 -0.29
C SER A 21 -9.80 -31.26 0.72
N LEU A 22 -10.08 -31.47 2.02
CA LEU A 22 -9.06 -31.43 3.04
C LEU A 22 -7.97 -32.43 2.71
N ASP A 23 -8.39 -33.59 2.18
CA ASP A 23 -7.43 -34.66 1.82
C ASP A 23 -6.40 -34.22 0.79
N SER A 24 -6.79 -33.37 -0.16
CA SER A 24 -5.90 -32.97 -1.23
C SER A 24 -4.99 -31.83 -0.82
N LEU A 25 -5.22 -31.20 0.33
CA LEU A 25 -4.37 -30.12 0.76
C LEU A 25 -3.03 -30.64 1.26
N PRO A 26 -1.97 -29.83 1.11
CA PRO A 26 -0.69 -30.13 1.76
C PRO A 26 -0.86 -30.21 3.26
N GLN A 27 -0.10 -31.13 3.89
CA GLN A 27 -0.35 -31.44 5.28
C GLN A 27 -0.46 -30.20 6.16
N GLU A 28 0.48 -29.26 6.04
CA GLU A 28 0.44 -28.08 6.95
C GLU A 28 -0.69 -27.11 6.64
N VAL A 29 -1.11 -27.11 5.38
CA VAL A 29 -2.32 -26.37 5.00
C VAL A 29 -3.58 -26.95 5.65
N ARG A 30 -3.76 -28.26 5.59
CA ARG A 30 -4.91 -28.87 6.27
C ARG A 30 -4.89 -28.54 7.75
N LYS A 31 -3.71 -28.64 8.39
CA LYS A 31 -3.63 -28.40 9.83
C LYS A 31 -4.05 -26.97 10.12
N PHE A 32 -3.63 -26.03 9.29
CA PHE A 32 -3.99 -24.60 9.50
C PHE A 32 -5.48 -24.41 9.29
N VAL A 33 -6.04 -24.94 8.20
CA VAL A 33 -7.48 -24.83 7.93
C VAL A 33 -8.32 -25.52 9.02
N GLU A 34 -8.01 -26.79 9.28
CA GLU A 34 -8.80 -27.60 10.18
C GLU A 34 -8.70 -27.09 11.63
N GLY A 35 -7.49 -26.69 12.05
CA GLY A 35 -7.35 -26.11 13.40
C GLY A 35 -8.10 -24.87 13.60
N ASN A 36 -8.09 -23.99 12.62
CA ASN A 36 -8.97 -22.78 12.74
C ASN A 36 -10.45 -23.02 12.59
N ALA A 37 -10.82 -24.03 11.83
CA ALA A 37 -12.21 -24.43 11.73
C ALA A 37 -12.69 -24.95 13.11
N GLN A 38 -11.85 -25.70 13.81
CA GLN A 38 -12.17 -26.23 15.14
C GLN A 38 -12.39 -25.06 16.07
N LEU A 39 -11.51 -24.07 15.95
CA LEU A 39 -11.63 -22.83 16.73
C LEU A 39 -12.85 -21.96 16.39
N CYS A 40 -12.98 -21.58 15.11
CA CYS A 40 -14.01 -20.62 14.69
C CYS A 40 -15.41 -21.19 14.43
N GLN A 41 -15.46 -22.50 14.18
CA GLN A 41 -16.70 -23.23 14.01
CA GLN A 41 -16.72 -23.21 14.03
C GLN A 41 -17.54 -22.72 12.82
N PRO A 42 -16.90 -22.61 11.62
CA PRO A 42 -17.72 -22.25 10.45
C PRO A 42 -18.77 -23.37 10.15
N GLU A 43 -19.82 -23.06 9.45
CA GLU A 43 -20.81 -24.04 9.01
C GLU A 43 -20.25 -24.81 7.84
N TYR A 44 -19.50 -24.12 7.01
CA TYR A 44 -18.93 -24.74 5.80
CA TYR A 44 -19.02 -24.67 5.72
C TYR A 44 -17.54 -24.28 5.54
N ILE A 45 -16.80 -25.08 4.79
CA ILE A 45 -15.49 -24.74 4.35
C ILE A 45 -15.45 -24.75 2.86
N HIS A 46 -15.00 -23.67 2.25
CA HIS A 46 -14.92 -23.52 0.78
C HIS A 46 -13.48 -23.29 0.41
N ILE A 47 -12.80 -24.24 -0.28
CA ILE A 47 -11.41 -24.05 -0.64
C ILE A 47 -11.45 -23.41 -2.05
N CYS A 48 -10.96 -22.17 -2.16
CA CYS A 48 -11.21 -21.40 -3.35
C CYS A 48 -10.32 -21.95 -4.47
N ASP A 49 -10.86 -21.98 -5.69
CA ASP A 49 -10.08 -22.47 -6.84
C ASP A 49 -9.62 -21.35 -7.77
N GLY A 50 -10.08 -20.12 -7.53
CA GLY A 50 -9.72 -18.94 -8.32
C GLY A 50 -10.37 -18.85 -9.71
N SER A 51 -11.27 -19.77 -10.04
CA SER A 51 -11.97 -19.74 -11.35
CA SER A 51 -11.97 -19.72 -11.37
C SER A 51 -12.92 -18.55 -11.53
N GLU A 52 -13.17 -18.18 -12.79
CA GLU A 52 -14.14 -17.15 -13.11
C GLU A 52 -15.54 -17.57 -12.67
N GLU A 53 -15.87 -18.85 -12.85
CA GLU A 53 -17.15 -19.44 -12.37
C GLU A 53 -17.41 -19.19 -10.88
N GLU A 54 -16.41 -19.53 -10.06
CA GLU A 54 -16.47 -19.32 -8.63
C GLU A 54 -16.75 -17.88 -8.33
N TYR A 55 -15.99 -17.02 -9.02
CA TYR A 55 -16.04 -15.59 -8.83
C TYR A 55 -17.41 -15.07 -9.19
N GLY A 56 -17.89 -15.47 -10.37
CA GLY A 56 -19.20 -15.00 -10.83
C GLY A 56 -20.32 -15.42 -9.87
N ARG A 57 -20.25 -16.66 -9.42
CA ARG A 57 -21.29 -17.16 -8.54
C ARG A 57 -21.25 -16.50 -7.16
N LEU A 58 -20.03 -16.24 -6.67
CA LEU A 58 -19.88 -15.61 -5.38
C LEU A 58 -20.44 -14.21 -5.44
N LEU A 59 -20.21 -13.51 -6.55
CA LEU A 59 -20.76 -12.18 -6.67
C LEU A 59 -22.29 -12.18 -6.67
N ALA A 60 -22.84 -13.10 -7.44
CA ALA A 60 -24.30 -13.14 -7.62
C ALA A 60 -24.98 -13.44 -6.29
N HIS A 61 -24.33 -14.29 -5.50
CA HIS A 61 -24.75 -14.61 -4.15
C HIS A 61 -24.69 -13.43 -3.21
N MET A 62 -23.60 -12.69 -3.26
CA MET A 62 -23.55 -11.47 -2.46
CA MET A 62 -23.50 -11.46 -2.48
C MET A 62 -24.66 -10.52 -2.86
N GLN A 63 -24.90 -10.43 -4.17
CA GLN A 63 -26.02 -9.67 -4.77
C GLN A 63 -27.35 -10.18 -4.16
N GLU A 64 -27.56 -11.50 -4.17
CA GLU A 64 -28.74 -12.14 -3.54
C GLU A 64 -28.92 -11.73 -2.07
N GLU A 65 -27.83 -11.62 -1.30
CA GLU A 65 -27.95 -11.27 0.12
C GLU A 65 -27.93 -9.77 0.47
N GLY A 66 -28.04 -8.94 -0.57
CA GLY A 66 -28.00 -7.50 -0.42
C GLY A 66 -26.69 -6.96 0.11
N VAL A 67 -25.59 -7.66 -0.13
CA VAL A 67 -24.30 -7.17 0.37
C VAL A 67 -23.53 -6.38 -0.68
N ILE A 68 -23.80 -6.64 -1.96
CA ILE A 68 -23.27 -5.80 -3.05
CA ILE A 68 -23.25 -5.88 -3.06
C ILE A 68 -24.34 -5.58 -4.09
N ARG A 69 -24.12 -4.59 -4.93
CA ARG A 69 -25.01 -4.29 -6.06
C ARG A 69 -24.24 -4.27 -7.38
N LYS A 70 -24.83 -4.84 -8.44
CA LYS A 70 -24.25 -4.74 -9.78
CA LYS A 70 -24.22 -4.74 -9.76
C LYS A 70 -24.40 -3.31 -10.28
N LEU A 71 -23.38 -2.81 -10.97
CA LEU A 71 -23.33 -1.50 -11.57
C LEU A 71 -23.61 -1.71 -13.04
N LYS A 72 -24.88 -1.54 -13.43
CA LYS A 72 -25.30 -1.97 -14.76
C LYS A 72 -24.69 -1.18 -15.92
N LYS A 73 -24.20 0.03 -15.66
CA LYS A 73 -23.60 0.88 -16.68
C LYS A 73 -22.33 0.29 -17.25
N TYR A 74 -21.66 -0.55 -16.45
CA TYR A 74 -20.34 -1.05 -16.78
C TYR A 74 -20.34 -2.55 -17.02
N ASP A 75 -19.20 -3.07 -17.44
CA ASP A 75 -19.02 -4.50 -17.69
C ASP A 75 -18.53 -5.23 -16.42
N ASN A 76 -19.41 -6.02 -15.80
CA ASN A 76 -19.06 -6.79 -14.59
C ASN A 76 -18.40 -5.98 -13.48
N CYS A 77 -19.05 -4.88 -13.07
CA CYS A 77 -18.56 -4.06 -11.97
C CYS A 77 -19.62 -4.02 -10.92
N TRP A 78 -19.19 -3.79 -9.69
CA TRP A 78 -19.98 -4.04 -8.51
C TRP A 78 -19.71 -2.97 -7.44
N LEU A 79 -20.72 -2.70 -6.64
CA LEU A 79 -20.61 -1.70 -5.57
C LEU A 79 -20.98 -2.25 -4.18
N ALA A 80 -20.07 -2.11 -3.21
CA ALA A 80 -20.34 -2.38 -1.81
C ALA A 80 -20.34 -1.08 -1.01
N LEU A 81 -21.32 -1.00 -0.12
CA LEU A 81 -21.46 0.10 0.87
C LEU A 81 -21.32 -0.46 2.28
N THR A 82 -20.45 0.12 3.10
CA THR A 82 -20.09 -0.47 4.36
C THR A 82 -20.83 0.25 5.52
N ASP A 83 -20.74 -0.37 6.69
CA ASP A 83 -21.04 0.28 7.99
C ASP A 83 -20.08 1.49 8.08
N PRO A 84 -20.61 2.70 8.44
CA PRO A 84 -19.71 3.85 8.51
C PRO A 84 -18.62 3.78 9.58
N ARG A 85 -18.74 2.84 10.52
CA ARG A 85 -17.70 2.56 11.51
C ARG A 85 -16.52 1.75 10.92
N ASP A 86 -16.69 1.22 9.73
CA ASP A 86 -15.64 0.35 9.13
C ASP A 86 -15.27 0.85 7.70
N VAL A 87 -14.44 1.88 7.64
CA VAL A 87 -14.12 2.60 6.43
C VAL A 87 -12.65 2.86 6.13
N ALA A 88 -11.75 2.48 7.05
CA ALA A 88 -10.35 2.81 6.93
C ALA A 88 -9.51 1.88 7.82
N ARG A 89 -8.19 1.87 7.59
CA ARG A 89 -7.24 1.25 8.49
C ARG A 89 -7.41 1.97 9.84
N ILE A 90 -7.31 1.19 10.92
CA ILE A 90 -7.28 1.72 12.32
C ILE A 90 -5.92 1.45 12.90
N GLU A 91 -5.06 2.44 12.79
CA GLU A 91 -3.70 2.34 13.32
C GLU A 91 -3.62 1.97 14.79
N SER A 92 -4.48 2.57 15.61
CA SER A 92 -4.46 2.30 17.04
C SER A 92 -4.92 0.88 17.45
N LYS A 93 -5.37 0.06 16.47
CA LYS A 93 -5.87 -1.29 16.70
C LYS A 93 -5.05 -2.20 15.77
N THR A 94 -3.91 -1.69 15.35
CA THR A 94 -2.98 -2.48 14.48
C THR A 94 -1.71 -2.69 15.27
N VAL A 95 -1.31 -3.93 15.47
CA VAL A 95 -0.20 -4.27 16.35
C VAL A 95 0.72 -5.30 15.82
N ILE A 96 1.95 -5.27 16.31
CA ILE A 96 2.89 -6.34 16.03
C ILE A 96 3.34 -6.96 17.34
N ILE A 97 3.35 -8.29 17.35
CA ILE A 97 3.64 -9.07 18.54
C ILE A 97 5.07 -9.58 18.44
N THR A 98 5.93 -9.25 19.42
CA THR A 98 7.28 -9.81 19.53
C THR A 98 7.60 -10.00 20.98
N GLN A 99 8.55 -10.88 21.26
CA GLN A 99 9.02 -11.10 22.65
C GLN A 99 9.53 -9.80 23.29
N GLU A 100 10.29 -9.02 22.54
CA GLU A 100 10.83 -7.76 23.04
C GLU A 100 10.26 -6.61 22.25
N GLN A 101 9.75 -5.60 22.95
CA GLN A 101 9.22 -4.42 22.30
C GLN A 101 10.22 -3.77 21.34
N ARG A 102 11.50 -3.72 21.74
CA ARG A 102 12.49 -2.99 20.94
C ARG A 102 12.70 -3.63 19.59
N ASP A 103 12.36 -4.90 19.44
CA ASP A 103 12.51 -5.49 18.12
C ASP A 103 11.47 -4.91 17.16
N THR A 104 10.37 -4.43 17.71
CA THR A 104 9.21 -3.94 16.91
C THR A 104 9.25 -2.42 16.70
N VAL A 105 9.53 -1.66 17.75
CA VAL A 105 9.62 -0.20 17.64
C VAL A 105 10.83 0.27 18.46
N PRO A 106 11.47 1.37 18.09
CA PRO A 106 12.51 1.86 19.01
C PRO A 106 11.88 2.36 20.28
N ILE A 107 12.64 2.35 21.36
CA ILE A 107 12.15 2.86 22.65
C ILE A 107 12.45 4.35 22.62
N PRO A 108 11.41 5.19 22.59
CA PRO A 108 11.66 6.61 22.40
C PRO A 108 12.29 7.26 23.64
N LYS A 109 12.98 8.36 23.42
CA LYS A 109 13.71 9.02 24.47
C LYS A 109 12.75 9.67 25.46
N SER A 110 11.73 10.32 24.96
CA SER A 110 10.82 11.11 25.83
C SER A 110 9.32 10.81 25.62
N GLY A 111 8.91 10.55 24.38
CA GLY A 111 7.50 10.43 24.05
C GLY A 111 7.03 9.01 23.71
N GLN A 112 5.79 8.97 23.24
CA GLN A 112 5.18 7.74 22.77
CA GLN A 112 5.14 7.77 22.73
C GLN A 112 5.65 7.49 21.34
N SER A 113 5.92 6.21 21.05
CA SER A 113 6.34 5.84 19.69
C SER A 113 5.20 6.06 18.69
N GLN A 114 5.52 6.70 17.57
CA GLN A 114 4.65 6.98 16.43
CA GLN A 114 4.49 6.76 16.54
C GLN A 114 4.96 5.98 15.32
N LEU A 115 5.91 5.06 15.57
CA LEU A 115 6.52 4.24 14.49
C LEU A 115 6.06 2.81 14.50
N GLY A 116 5.04 2.51 15.29
CA GLY A 116 4.48 1.17 15.45
C GLY A 116 3.74 1.05 16.73
N ARG A 117 3.11 -0.11 16.91
CA ARG A 117 2.40 -0.43 18.15
C ARG A 117 2.74 -1.85 18.48
N TRP A 118 3.32 -2.04 19.64
CA TRP A 118 3.68 -3.35 20.08
C TRP A 118 2.66 -3.83 21.07
N MET A 119 2.40 -5.11 20.96
CA MET A 119 1.63 -5.86 21.94
C MET A 119 2.39 -7.10 22.38
N SER A 120 2.37 -7.37 23.68
CA SER A 120 3.04 -8.52 24.20
C SER A 120 2.37 -9.86 23.76
N GLU A 121 3.16 -10.90 23.71
CA GLU A 121 2.69 -12.23 23.40
C GLU A 121 1.52 -12.67 24.29
N GLU A 122 1.64 -12.40 25.60
CA GLU A 122 0.59 -12.78 26.55
C GLU A 122 -0.67 -11.98 26.36
N ASP A 123 -0.55 -10.66 26.13
CA ASP A 123 -1.67 -9.81 25.86
C ASP A 123 -2.40 -10.27 24.58
N PHE A 124 -1.66 -10.70 23.59
CA PHE A 124 -2.31 -11.09 22.36
C PHE A 124 -3.08 -12.42 22.50
N GLU A 125 -2.53 -13.38 23.25
CA GLU A 125 -3.27 -14.62 23.48
C GLU A 125 -4.60 -14.32 24.14
N LYS A 126 -4.59 -13.43 25.11
CA LYS A 126 -5.83 -13.02 25.74
C LYS A 126 -6.80 -12.33 24.78
N ALA A 127 -6.28 -11.43 23.95
CA ALA A 127 -7.10 -10.75 22.98
C ALA A 127 -7.66 -11.74 21.92
N PHE A 128 -6.88 -12.71 21.49
CA PHE A 128 -7.31 -13.71 20.53
C PHE A 128 -8.44 -14.58 21.10
N ASN A 129 -8.24 -15.05 22.32
CA ASN A 129 -9.22 -15.88 23.00
C ASN A 129 -10.53 -15.18 23.27
N ALA A 130 -10.50 -13.86 23.41
CA ALA A 130 -11.71 -13.08 23.54
C ALA A 130 -12.46 -12.70 22.22
N ARG A 131 -11.98 -13.16 21.06
CA ARG A 131 -12.53 -12.78 19.78
C ARG A 131 -12.86 -14.02 18.91
N PHE A 132 -11.87 -14.86 18.69
CA PHE A 132 -12.01 -15.89 17.66
C PHE A 132 -12.84 -17.16 17.96
N PRO A 133 -12.88 -17.66 19.22
CA PRO A 133 -13.69 -18.87 19.47
C PRO A 133 -15.13 -18.68 19.05
N GLY A 134 -15.59 -19.52 18.15
CA GLY A 134 -16.92 -19.54 17.62
C GLY A 134 -17.29 -18.43 16.66
N CYS A 135 -16.27 -17.65 16.21
CA CYS A 135 -16.60 -16.40 15.52
C CYS A 135 -17.22 -16.57 14.14
N MET A 136 -17.04 -17.74 13.50
CA MET A 136 -17.61 -17.94 12.21
C MET A 136 -18.87 -18.81 12.21
N LYS A 137 -19.46 -18.99 13.38
CA LYS A 137 -20.68 -19.79 13.53
CA LYS A 137 -20.65 -19.82 13.50
C LYS A 137 -21.73 -19.35 12.53
N GLY A 138 -22.25 -20.30 11.76
CA GLY A 138 -23.27 -20.01 10.74
C GLY A 138 -22.77 -19.52 9.37
N ARG A 139 -21.45 -19.32 9.26
CA ARG A 139 -20.81 -18.76 8.09
C ARG A 139 -19.93 -19.79 7.34
N THR A 140 -19.56 -19.42 6.13
CA THR A 140 -18.56 -20.20 5.39
C THR A 140 -17.16 -19.63 5.69
N MET A 141 -16.25 -20.52 5.98
CA MET A 141 -14.84 -20.24 6.01
C MET A 141 -14.29 -20.46 4.63
N TYR A 142 -13.91 -19.37 3.98
CA TYR A 142 -13.25 -19.47 2.64
C TYR A 142 -11.77 -19.61 2.87
N VAL A 143 -11.13 -20.49 2.10
CA VAL A 143 -9.73 -20.71 2.17
C VAL A 143 -9.14 -20.19 0.84
N ILE A 144 -8.33 -19.14 0.94
CA ILE A 144 -7.79 -18.46 -0.21
C ILE A 144 -6.32 -18.70 -0.33
N PRO A 145 -5.89 -19.59 -1.27
CA PRO A 145 -4.48 -19.74 -1.46
C PRO A 145 -3.98 -18.68 -2.43
N PHE A 146 -2.98 -17.94 -2.05
CA PHE A 146 -2.54 -16.81 -2.81
C PHE A 146 -1.04 -16.65 -2.91
N SER A 147 -0.62 -16.06 -4.02
CA SER A 147 0.75 -15.67 -4.24
C SER A 147 0.94 -14.18 -4.38
N MET A 148 1.94 -13.71 -3.68
CA MET A 148 2.36 -12.32 -3.75
C MET A 148 3.52 -12.34 -4.71
N GLY A 149 3.27 -11.83 -5.92
CA GLY A 149 4.25 -11.73 -6.91
C GLY A 149 3.92 -12.72 -7.98
N PRO A 150 4.56 -12.54 -9.12
CA PRO A 150 4.29 -13.54 -10.17
C PRO A 150 4.50 -15.01 -9.75
N LEU A 151 3.54 -15.89 -10.07
CA LEU A 151 3.62 -17.29 -9.60
C LEU A 151 4.97 -17.87 -10.05
N GLY A 152 5.71 -18.44 -9.10
CA GLY A 152 7.07 -18.92 -9.39
C GLY A 152 8.24 -17.94 -9.38
N SER A 153 8.01 -16.61 -9.38
CA SER A 153 9.09 -15.60 -9.27
C SER A 153 9.96 -15.98 -8.08
N PRO A 154 11.28 -15.82 -8.18
CA PRO A 154 12.11 -16.12 -7.03
C PRO A 154 11.82 -15.12 -5.89
N LEU A 155 11.18 -14.01 -6.23
CA LEU A 155 10.82 -13.01 -5.21
C LEU A 155 9.42 -13.21 -4.64
N ALA A 156 8.66 -14.16 -5.17
CA ALA A 156 7.26 -14.31 -4.76
C ALA A 156 7.20 -15.07 -3.45
N LYS A 157 6.11 -14.83 -2.72
CA LYS A 157 5.82 -15.56 -1.50
C LYS A 157 4.34 -15.88 -1.44
N ILE A 158 4.03 -17.05 -0.87
CA ILE A 158 2.69 -17.60 -0.83
C ILE A 158 2.09 -17.42 0.56
N GLY A 159 0.81 -17.11 0.56
CA GLY A 159 -0.02 -17.16 1.76
C GLY A 159 -1.28 -17.99 1.60
N ILE A 160 -1.87 -18.34 2.76
CA ILE A 160 -3.19 -18.87 2.81
C ILE A 160 -4.00 -17.95 3.71
N GLU A 161 -5.07 -17.36 3.20
CA GLU A 161 -6.01 -16.53 4.06
C GLU A 161 -7.30 -17.30 4.27
N LEU A 162 -7.72 -17.41 5.55
CA LEU A 162 -8.97 -17.94 5.89
C LEU A 162 -9.79 -16.68 6.21
N THR A 163 -11.01 -16.65 5.68
CA THR A 163 -11.94 -15.55 5.97
C THR A 163 -13.38 -16.00 5.92
N ASP A 164 -14.23 -15.31 6.69
CA ASP A 164 -15.63 -15.50 6.60
C ASP A 164 -16.38 -14.46 5.71
N SER A 165 -15.65 -13.68 4.92
CA SER A 165 -16.18 -12.66 4.08
C SER A 165 -16.02 -12.95 2.61
N PRO A 166 -17.14 -13.12 1.86
CA PRO A 166 -17.12 -13.19 0.40
C PRO A 166 -16.54 -11.95 -0.23
N TYR A 167 -16.76 -10.77 0.33
CA TYR A 167 -16.16 -9.57 -0.20
C TYR A 167 -14.62 -9.64 -0.22
N VAL A 168 -14.04 -10.21 0.84
CA VAL A 168 -12.59 -10.35 0.96
C VAL A 168 -12.14 -11.35 -0.12
N VAL A 169 -12.93 -12.39 -0.31
CA VAL A 169 -12.56 -13.39 -1.39
C VAL A 169 -12.49 -12.73 -2.74
N ALA A 170 -13.54 -12.06 -3.10
CA ALA A 170 -13.60 -11.39 -4.38
C ALA A 170 -12.46 -10.39 -4.56
N SER A 171 -12.24 -9.52 -3.56
CA SER A 171 -11.18 -8.57 -3.67
C SER A 171 -9.76 -9.19 -3.71
N MET A 172 -9.56 -10.32 -3.03
CA MET A 172 -8.27 -10.98 -3.02
C MET A 172 -8.06 -11.59 -4.42
N ARG A 173 -9.14 -11.97 -5.07
CA ARG A 173 -8.96 -12.53 -6.45
C ARG A 173 -8.33 -11.45 -7.37
N ILE A 174 -8.71 -10.19 -7.17
CA ILE A 174 -8.20 -9.08 -7.95
C ILE A 174 -6.82 -8.68 -7.49
N MET A 175 -6.66 -8.51 -6.18
CA MET A 175 -5.45 -8.00 -5.65
C MET A 175 -4.29 -8.92 -5.41
N THR A 176 -4.51 -10.25 -5.61
CA THR A 176 -3.46 -11.24 -5.52
C THR A 176 -3.67 -12.22 -6.64
N ARG A 177 -2.74 -13.13 -6.79
CA ARG A 177 -2.93 -14.32 -7.65
C ARG A 177 -3.41 -15.44 -6.77
N MET A 178 -4.62 -15.87 -7.03
CA MET A 178 -5.35 -16.76 -6.16
C MET A 178 -5.86 -18.03 -6.83
N GLY A 179 -5.80 -19.17 -6.11
CA GLY A 179 -6.57 -20.36 -6.50
C GLY A 179 -5.76 -21.61 -6.59
N THR A 180 -6.26 -22.57 -7.34
CA THR A 180 -5.71 -23.92 -7.27
C THR A 180 -4.23 -24.01 -7.69
N SER A 181 -3.85 -23.30 -8.75
CA SER A 181 -2.47 -23.30 -9.21
C SER A 181 -1.47 -22.89 -8.14
N VAL A 182 -1.91 -22.00 -7.21
CA VAL A 182 -1.10 -21.66 -6.08
C VAL A 182 -0.85 -22.81 -5.11
N LEU A 183 -1.92 -23.52 -4.76
CA LEU A 183 -1.78 -24.70 -3.92
C LEU A 183 -0.83 -25.70 -4.51
N GLU A 184 -0.97 -25.89 -5.82
CA GLU A 184 -0.12 -26.86 -6.50
C GLU A 184 1.35 -26.45 -6.48
N ALA A 185 1.61 -25.15 -6.68
CA ALA A 185 2.96 -24.59 -6.60
C ALA A 185 3.54 -24.62 -5.17
N LEU A 186 2.67 -24.46 -4.17
CA LEU A 186 3.14 -24.42 -2.80
C LEU A 186 3.69 -25.75 -2.32
N GLY A 187 2.95 -26.82 -2.60
CA GLY A 187 3.33 -28.15 -2.16
C GLY A 187 3.51 -28.17 -0.67
N ASP A 188 4.61 -28.75 -0.23
CA ASP A 188 4.88 -28.85 1.19
C ASP A 188 5.71 -27.70 1.73
N GLY A 189 5.83 -26.60 0.98
CA GLY A 189 6.64 -25.47 1.37
C GLY A 189 5.91 -24.61 2.41
N GLU A 190 6.61 -23.58 2.84
CA GLU A 190 6.10 -22.69 3.88
C GLU A 190 5.21 -21.59 3.28
N PHE A 191 4.29 -21.08 4.09
CA PHE A 191 3.37 -20.07 3.66
C PHE A 191 3.08 -19.19 4.87
N ILE A 192 2.69 -17.98 4.58
CA ILE A 192 2.25 -17.04 5.65
C ILE A 192 0.82 -17.45 6.01
N LYS A 193 0.54 -17.60 7.33
CA LYS A 193 -0.77 -18.00 7.80
C LYS A 193 -1.61 -16.75 8.11
N CYS A 194 -2.71 -16.54 7.40
CA CYS A 194 -3.49 -15.33 7.49
C CYS A 194 -4.90 -15.72 7.93
N LEU A 195 -5.41 -15.18 9.06
CA LEU A 195 -6.68 -15.57 9.55
C LEU A 195 -7.46 -14.28 9.70
N HIS A 196 -8.60 -14.23 9.06
CA HIS A 196 -9.49 -13.06 9.17
C HIS A 196 -10.91 -13.46 9.55
N SER A 197 -11.61 -12.64 10.37
CA SER A 197 -13.02 -12.79 10.59
C SER A 197 -13.63 -11.42 10.82
N VAL A 198 -14.84 -11.23 10.31
CA VAL A 198 -15.58 -9.99 10.52
C VAL A 198 -16.06 -9.95 11.95
N GLY A 199 -16.00 -11.05 12.70
CA GLY A 199 -16.37 -11.03 14.14
C GLY A 199 -17.85 -10.92 14.44
N CYS A 200 -18.67 -11.51 13.59
CA CYS A 200 -20.12 -11.46 13.70
C CYS A 200 -20.76 -12.85 13.53
N PRO A 201 -20.49 -13.78 14.45
CA PRO A 201 -21.11 -15.11 14.39
C PRO A 201 -22.62 -15.01 14.39
N LEU A 202 -23.24 -15.95 13.68
CA LEU A 202 -24.71 -16.04 13.73
C LEU A 202 -25.15 -16.98 14.83
N PRO A 203 -26.29 -16.70 15.45
CA PRO A 203 -27.16 -15.58 15.20
C PRO A 203 -26.53 -14.28 15.71
N LEU A 204 -26.81 -13.21 14.99
CA LEU A 204 -26.16 -11.96 15.21
C LEU A 204 -26.56 -11.40 16.55
N LYS A 205 -25.57 -10.96 17.32
CA LYS A 205 -25.83 -10.35 18.64
C LYS A 205 -26.09 -8.87 18.60
N LYS A 206 -25.66 -8.22 17.52
CA LYS A 206 -25.81 -6.80 17.33
C LYS A 206 -26.36 -6.44 15.97
N PRO A 207 -26.93 -5.23 15.86
CA PRO A 207 -27.53 -4.75 14.61
C PRO A 207 -26.55 -4.79 13.45
N LEU A 208 -27.01 -5.32 12.34
CA LEU A 208 -26.28 -5.31 11.13
C LEU A 208 -26.62 -3.99 10.43
N VAL A 209 -25.61 -3.19 10.14
CA VAL A 209 -25.78 -1.91 9.49
C VAL A 209 -25.36 -2.04 8.05
N ASN A 210 -26.28 -1.64 7.14
CA ASN A 210 -26.01 -1.63 5.71
C ASN A 210 -25.52 -2.96 5.22
N ASN A 211 -26.10 -4.01 5.78
CA ASN A 211 -25.72 -5.37 5.42
C ASN A 211 -24.21 -5.60 5.42
N TRP A 212 -23.51 -4.95 6.35
CA TRP A 212 -22.03 -4.97 6.39
C TRP A 212 -21.56 -5.43 7.73
N ALA A 213 -21.20 -6.70 7.79
CA ALA A 213 -20.82 -7.33 9.02
C ALA A 213 -19.45 -6.84 9.46
N CYS A 214 -19.39 -6.36 10.70
CA CYS A 214 -18.15 -5.93 11.28
C CYS A 214 -18.33 -5.78 12.82
N ASN A 215 -17.21 -5.60 13.49
CA ASN A 215 -17.23 -5.55 14.96
C ASN A 215 -16.22 -4.47 15.38
N PRO A 216 -16.62 -3.21 15.28
CA PRO A 216 -15.68 -2.12 15.48
C PRO A 216 -14.99 -2.12 16.87
N GLU A 217 -15.75 -2.42 17.91
CA GLU A 217 -15.22 -2.39 19.28
C GLU A 217 -14.12 -3.37 19.49
N LEU A 218 -14.18 -4.53 18.81
CA LEU A 218 -13.16 -5.57 19.00
C LEU A 218 -12.18 -5.68 17.82
N THR A 219 -12.23 -4.70 16.94
CA THR A 219 -11.29 -4.69 15.80
C THR A 219 -9.83 -4.74 16.27
N LEU A 220 -9.04 -5.64 15.67
CA LEU A 220 -7.71 -5.82 16.05
C LEU A 220 -6.99 -6.46 14.87
N ILE A 221 -5.91 -5.83 14.40
CA ILE A 221 -5.13 -6.33 13.23
C ILE A 221 -3.74 -6.62 13.75
N ALA A 222 -3.38 -7.91 13.86
CA ALA A 222 -2.22 -8.34 14.54
C ALA A 222 -1.26 -9.04 13.62
N HIS A 223 0.03 -8.91 13.87
CA HIS A 223 1.08 -9.52 13.06
C HIS A 223 2.03 -10.22 14.01
N LEU A 224 2.38 -11.47 13.71
CA LEU A 224 3.24 -12.29 14.59
C LEU A 224 4.33 -12.83 13.70
N PRO A 225 5.36 -12.00 13.43
CA PRO A 225 6.36 -12.35 12.43
C PRO A 225 7.11 -13.60 12.80
N ASP A 226 7.36 -13.80 14.08
CA ASP A 226 8.04 -15.04 14.51
C ASP A 226 7.25 -16.31 14.26
N ARG A 227 5.93 -16.20 14.27
CA ARG A 227 5.05 -17.33 13.93
C ARG A 227 4.63 -17.34 12.44
N ARG A 228 5.08 -16.36 11.66
CA ARG A 228 4.63 -16.21 10.28
C ARG A 228 3.10 -16.17 10.22
N GLU A 229 2.48 -15.39 11.10
CA GLU A 229 1.04 -15.31 11.17
C GLU A 229 0.56 -13.84 11.15
N ILE A 230 -0.57 -13.63 10.47
CA ILE A 230 -1.35 -12.38 10.50
C ILE A 230 -2.76 -12.74 10.98
N ILE A 231 -3.33 -12.03 11.99
CA ILE A 231 -4.54 -12.44 12.51
C ILE A 231 -5.35 -11.18 12.66
N SER A 232 -6.45 -11.07 11.94
CA SER A 232 -7.21 -9.86 11.83
C SER A 232 -8.69 -10.09 12.13
N PHE A 233 -9.27 -9.29 13.05
CA PHE A 233 -10.60 -9.49 13.51
C PHE A 233 -11.41 -8.19 13.50
N GLY A 234 -12.64 -8.25 13.02
CA GLY A 234 -13.64 -7.17 13.21
C GLY A 234 -13.83 -6.16 12.12
N SER A 235 -12.94 -6.15 11.13
CA SER A 235 -13.01 -5.23 10.02
C SER A 235 -13.01 -5.97 8.67
N GLY A 236 -13.92 -5.54 7.78
CA GLY A 236 -13.90 -5.92 6.38
C GLY A 236 -13.17 -4.96 5.45
N TYR A 237 -12.85 -3.74 5.89
CA TYR A 237 -12.15 -2.77 5.08
C TYR A 237 -10.83 -3.30 4.57
N GLY A 238 -10.59 -3.10 3.30
CA GLY A 238 -9.46 -3.66 2.55
C GLY A 238 -8.09 -3.68 3.20
N GLY A 239 -7.64 -2.55 3.79
CA GLY A 239 -6.34 -2.50 4.40
C GLY A 239 -6.25 -3.38 5.64
N ASN A 240 -7.41 -3.66 6.24
CA ASN A 240 -7.50 -4.53 7.41
C ASN A 240 -7.78 -5.99 7.08
N SER A 241 -8.39 -6.28 5.92
CA SER A 241 -8.92 -7.61 5.63
C SER A 241 -8.22 -8.30 4.49
N LEU A 242 -7.65 -7.55 3.58
CA LEU A 242 -6.93 -8.16 2.43
C LEU A 242 -5.53 -8.35 2.96
N LEU A 243 -5.28 -9.52 3.55
CA LEU A 243 -4.11 -9.66 4.37
C LEU A 243 -2.78 -9.69 3.63
N GLY A 244 -2.83 -10.01 2.32
CA GLY A 244 -1.64 -9.99 1.47
C GLY A 244 -0.98 -8.64 1.33
N LYS A 245 -1.76 -7.57 1.48
CA LYS A 245 -1.33 -6.26 1.10
C LYS A 245 -0.49 -5.60 2.17
N LYS A 246 -1.10 -4.80 3.07
CA LYS A 246 -0.28 -4.15 4.02
C LYS A 246 0.29 -5.11 5.07
N CYS A 247 -0.55 -5.98 5.61
CA CYS A 247 -0.15 -6.91 6.61
C CYS A 247 1.03 -7.81 6.25
N PHE A 248 0.92 -8.45 5.08
CA PHE A 248 1.93 -9.34 4.55
C PHE A 248 3.01 -8.55 3.79
N ALA A 249 2.59 -7.85 2.78
CA ALA A 249 3.58 -7.35 1.83
C ALA A 249 4.32 -6.14 2.30
N LEU A 250 3.83 -5.44 3.35
CA LEU A 250 4.69 -4.48 4.05
C LEU A 250 5.15 -4.94 5.46
N ARG A 251 4.24 -5.26 6.37
CA ARG A 251 4.67 -5.49 7.77
C ARG A 251 5.48 -6.80 7.95
N ILE A 252 4.91 -7.94 7.55
CA ILE A 252 5.62 -9.17 7.68
C ILE A 252 6.81 -9.13 6.72
N ALA A 253 6.56 -8.64 5.52
CA ALA A 253 7.58 -8.70 4.46
C ALA A 253 8.77 -7.85 4.80
N SER A 254 8.61 -6.66 5.49
CA SER A 254 9.73 -5.84 5.70
C SER A 254 10.70 -6.51 6.70
N ARG A 255 10.13 -7.27 7.64
CA ARG A 255 10.95 -7.93 8.67
C ARG A 255 11.69 -9.10 7.99
N LEU A 256 11.00 -9.88 7.18
CA LEU A 256 11.64 -10.97 6.41
C LEU A 256 12.77 -10.42 5.53
N ALA A 257 12.45 -9.34 4.84
CA ALA A 257 13.42 -8.65 4.03
C ALA A 257 14.69 -8.24 4.79
N LYS A 258 14.55 -7.70 6.00
CA LYS A 258 15.68 -7.38 6.82
C LYS A 258 16.57 -8.58 7.09
N GLU A 259 15.92 -9.69 7.35
CA GLU A 259 16.64 -10.90 7.75
C GLU A 259 17.24 -11.56 6.53
N GLU A 260 16.71 -11.28 5.38
CA GLU A 260 17.15 -12.00 4.16
C GLU A 260 17.91 -11.16 3.13
N GLY A 261 18.11 -9.88 3.40
CA GLY A 261 18.89 -9.07 2.49
C GLY A 261 18.12 -8.31 1.42
N TRP A 262 16.81 -8.15 1.53
CA TRP A 262 16.06 -7.45 0.50
C TRP A 262 15.24 -6.32 1.10
N LEU A 263 14.34 -5.71 0.35
CA LEU A 263 13.54 -4.52 0.89
C LEU A 263 12.10 -4.70 0.48
N ALA A 264 11.19 -4.39 1.37
CA ALA A 264 9.79 -4.38 1.10
C ALA A 264 9.30 -3.02 1.38
N GLU A 265 8.84 -2.29 0.38
CA GLU A 265 8.61 -0.82 0.59
C GLU A 265 7.31 -0.33 0.03
N HIS A 266 6.85 0.81 0.57
CA HIS A 266 5.67 1.46 0.15
C HIS A 266 5.91 2.38 -1.02
N MET A 267 6.21 1.75 -2.15
CA MET A 267 6.58 2.41 -3.34
C MET A 267 5.81 1.94 -4.60
N LEU A 268 5.44 2.89 -5.43
CA LEU A 268 5.04 2.61 -6.83
C LEU A 268 6.28 2.28 -7.58
N ILE A 269 6.06 1.56 -8.70
CA ILE A 269 7.10 1.26 -9.69
C ILE A 269 6.57 1.67 -11.07
N LEU A 270 7.33 2.50 -11.79
CA LEU A 270 6.96 2.90 -13.15
C LEU A 270 8.17 2.69 -14.05
N GLY A 271 7.84 2.52 -15.36
CA GLY A 271 8.86 2.52 -16.39
C GLY A 271 8.70 3.72 -17.31
N ILE A 272 9.79 4.42 -17.56
CA ILE A 272 9.75 5.63 -18.37
C ILE A 272 10.71 5.49 -19.55
N THR A 273 10.19 5.78 -20.73
CA THR A 273 10.97 5.74 -21.94
C THR A 273 11.07 7.14 -22.56
N ASN A 274 12.28 7.51 -22.97
CA ASN A 274 12.54 8.84 -23.49
C ASN A 274 12.49 8.83 -25.04
N PRO A 275 12.67 10.00 -25.64
CA PRO A 275 12.56 10.11 -27.10
C PRO A 275 13.70 9.46 -27.87
N GLU A 276 14.75 9.08 -27.15
CA GLU A 276 15.95 8.39 -27.74
C GLU A 276 15.83 6.85 -27.63
N GLY A 277 14.66 6.38 -27.21
CA GLY A 277 14.28 4.98 -27.03
C GLY A 277 15.04 4.25 -25.93
N LYS A 278 15.32 4.96 -24.86
CA LYS A 278 15.99 4.42 -23.67
C LYS A 278 14.92 4.36 -22.59
N LYS A 279 14.88 3.29 -21.82
CA LYS A 279 13.87 3.10 -20.77
C LYS A 279 14.51 2.84 -19.42
N LYS A 280 13.96 3.49 -18.38
CA LYS A 280 14.41 3.28 -17.02
C LYS A 280 13.23 3.00 -16.12
N TYR A 281 13.45 2.19 -15.08
CA TYR A 281 12.47 2.03 -13.99
C TYR A 281 12.86 2.79 -12.77
N LEU A 282 11.84 3.42 -12.24
CA LEU A 282 11.86 4.23 -11.00
C LEU A 282 10.87 3.77 -9.98
N ALA A 283 11.22 3.94 -8.68
CA ALA A 283 10.33 3.57 -7.62
C ALA A 283 10.08 4.90 -6.86
N ALA A 284 8.92 5.03 -6.30
CA ALA A 284 8.62 6.25 -5.49
C ALA A 284 7.76 5.99 -4.28
N ALA A 285 8.16 6.55 -3.14
CA ALA A 285 7.49 6.42 -1.87
C ALA A 285 6.93 7.77 -1.44
N PHE A 286 5.60 7.87 -1.50
CA PHE A 286 4.88 9.07 -0.96
C PHE A 286 3.86 8.63 0.11
N PRO A 287 3.54 9.52 1.06
CA PRO A 287 2.59 9.16 2.09
C PRO A 287 1.25 8.65 1.49
N SER A 288 0.58 7.73 2.20
CA SER A 288 -0.73 7.23 1.78
C SER A 288 -1.65 8.34 1.24
N ALA A 289 -1.64 9.49 1.91
CA ALA A 289 -2.50 10.59 1.49
C ALA A 289 -2.14 11.19 0.12
N CYS A 290 -0.95 10.91 -0.39
CA CYS A 290 -0.46 11.51 -1.62
C CYS A 290 -0.79 10.64 -2.83
N GLY A 291 -0.37 11.11 -4.01
CA GLY A 291 -0.78 10.53 -5.28
C GLY A 291 0.20 9.60 -5.99
N LYS A 292 0.52 8.50 -5.33
CA LYS A 292 1.26 7.39 -6.00
C LYS A 292 0.55 6.89 -7.29
N THR A 293 -0.73 6.56 -7.20
CA THR A 293 -1.48 5.98 -8.30
C THR A 293 -1.44 6.92 -9.54
N ASN A 294 -1.67 8.20 -9.29
CA ASN A 294 -1.60 9.20 -10.35
C ASN A 294 -0.22 9.29 -10.99
N LEU A 295 0.86 9.17 -10.21
CA LEU A 295 2.18 9.33 -10.76
C LEU A 295 2.44 8.01 -11.53
N ALA A 296 2.01 6.89 -10.96
CA ALA A 296 2.34 5.59 -11.59
C ALA A 296 1.70 5.39 -12.93
N MET A 297 0.58 6.06 -13.12
CA MET A 297 -0.19 5.97 -14.36
C MET A 297 -0.15 7.25 -15.16
N MET A 298 0.86 8.08 -14.92
CA MET A 298 0.90 9.42 -15.48
C MET A 298 0.81 9.39 -16.99
N ASN A 299 0.00 10.30 -17.52
CA ASN A 299 -0.01 10.58 -18.94
CA ASN A 299 0.02 10.55 -18.96
C ASN A 299 0.93 11.77 -19.19
N PRO A 300 2.17 11.53 -19.64
CA PRO A 300 3.14 12.63 -19.73
C PRO A 300 2.77 13.68 -20.77
N THR A 301 3.04 14.96 -20.50
CA THR A 301 2.79 16.03 -21.49
C THR A 301 3.92 16.21 -22.48
N LEU A 302 5.12 15.72 -22.19
CA LEU A 302 6.27 15.96 -23.02
C LEU A 302 6.24 15.02 -24.21
N PRO A 303 6.35 15.56 -25.44
CA PRO A 303 6.33 14.63 -26.57
C PRO A 303 7.51 13.68 -26.58
N GLY A 304 7.23 12.47 -27.06
CA GLY A 304 8.26 11.43 -27.22
C GLY A 304 8.54 10.63 -25.95
N TRP A 305 7.92 11.02 -24.84
CA TRP A 305 8.06 10.29 -23.57
C TRP A 305 6.84 9.39 -23.30
N LYS A 306 7.10 8.28 -22.62
CA LYS A 306 6.08 7.29 -22.32
C LYS A 306 6.29 6.81 -20.88
N VAL A 307 5.19 6.71 -20.15
CA VAL A 307 5.19 6.15 -18.82
C VAL A 307 4.30 4.93 -18.80
N GLU A 308 4.77 3.87 -18.17
CA GLU A 308 4.07 2.62 -18.04
C GLU A 308 4.12 2.21 -16.56
N CYS A 309 3.07 1.53 -16.11
CA CYS A 309 2.89 1.23 -14.68
C CYS A 309 3.25 -0.23 -14.39
N VAL A 310 4.15 -0.42 -13.43
CA VAL A 310 4.41 -1.73 -12.87
C VAL A 310 3.55 -1.96 -11.60
N GLY A 311 3.43 -0.95 -10.68
CA GLY A 311 2.56 -1.07 -9.54
C GLY A 311 2.40 0.31 -8.96
N ASP A 312 1.39 0.45 -8.10
CA ASP A 312 1.05 1.75 -7.52
C ASP A 312 1.16 1.80 -6.05
N ASP A 313 1.69 0.78 -5.40
CA ASP A 313 1.63 0.73 -3.91
C ASP A 313 2.79 0.08 -3.18
N ILE A 314 3.25 -1.09 -3.59
CA ILE A 314 4.17 -1.85 -2.86
C ILE A 314 5.20 -2.42 -3.80
N ALA A 315 6.46 -2.38 -3.38
CA ALA A 315 7.60 -2.87 -4.15
C ALA A 315 8.41 -3.82 -3.30
N TRP A 316 8.81 -4.96 -3.89
CA TRP A 316 9.70 -5.86 -3.23
C TRP A 316 10.97 -5.82 -4.07
N MET A 317 12.11 -5.51 -3.45
CA MET A 317 13.34 -5.22 -4.20
C MET A 317 14.53 -5.98 -3.66
N LYS A 318 15.34 -6.57 -4.56
CA LYS A 318 16.53 -7.26 -4.08
C LYS A 318 17.68 -7.04 -5.06
N PHE A 319 18.85 -6.69 -4.52
CA PHE A 319 20.01 -6.50 -5.35
C PHE A 319 20.38 -7.91 -5.79
N ASP A 320 20.56 -8.12 -7.09
CA ASP A 320 20.93 -9.44 -7.59
C ASP A 320 22.44 -9.63 -7.64
N ALA A 321 22.87 -10.79 -8.18
CA ALA A 321 24.26 -11.13 -8.14
C ALA A 321 25.06 -10.17 -9.02
N GLN A 322 24.37 -9.54 -9.96
CA GLN A 322 24.96 -8.56 -10.83
C GLN A 322 24.99 -7.15 -10.26
N GLY A 323 24.39 -6.93 -9.09
CA GLY A 323 24.37 -5.62 -8.47
C GLY A 323 23.16 -4.78 -8.86
N ASN A 324 22.31 -5.27 -9.73
CA ASN A 324 21.09 -4.54 -10.10
C ASN A 324 19.99 -4.68 -9.05
N LEU A 325 19.33 -3.56 -8.70
CA LEU A 325 18.20 -3.57 -7.77
C LEU A 325 16.93 -4.00 -8.47
N ARG A 326 16.63 -5.29 -8.43
CA ARG A 326 15.47 -5.83 -9.11
C ARG A 326 14.23 -5.73 -8.26
N ALA A 327 13.15 -5.23 -8.85
CA ALA A 327 11.91 -5.05 -8.11
C ALA A 327 10.75 -5.73 -8.75
N ILE A 328 9.86 -6.26 -7.92
CA ILE A 328 8.57 -6.72 -8.41
C ILE A 328 7.47 -5.97 -7.66
N ASN A 329 6.35 -5.88 -8.34
CA ASN A 329 5.06 -5.56 -7.69
C ASN A 329 4.48 -6.85 -7.19
N PRO A 330 4.38 -7.04 -5.87
CA PRO A 330 3.83 -8.28 -5.35
C PRO A 330 2.31 -8.39 -5.51
N GLU A 331 1.61 -7.30 -5.88
CA GLU A 331 0.17 -7.33 -6.03
C GLU A 331 -0.25 -7.63 -7.44
N ASN A 332 -1.56 -7.84 -7.61
CA ASN A 332 -2.16 -8.26 -8.92
C ASN A 332 -3.17 -7.22 -9.40
N GLY A 333 -3.47 -6.20 -8.55
CA GLY A 333 -4.43 -5.19 -8.92
C GLY A 333 -4.15 -3.87 -8.18
N PHE A 334 -5.03 -2.91 -8.39
CA PHE A 334 -4.93 -1.56 -7.80
C PHE A 334 -6.12 -1.40 -6.93
N PHE A 335 -5.86 -0.98 -5.68
CA PHE A 335 -6.88 -0.69 -4.68
C PHE A 335 -6.72 0.82 -4.42
N GLY A 336 -7.29 1.61 -5.33
CA GLY A 336 -7.07 3.04 -5.44
C GLY A 336 -8.13 3.87 -4.68
N VAL A 337 -7.74 5.07 -4.32
CA VAL A 337 -8.68 6.02 -3.68
C VAL A 337 -9.51 6.61 -4.85
N ALA A 338 -10.84 6.50 -4.76
CA ALA A 338 -11.69 6.92 -5.88
C ALA A 338 -11.85 8.44 -5.90
N PRO A 339 -12.21 9.07 -4.76
CA PRO A 339 -12.37 10.50 -4.95
C PRO A 339 -11.17 11.24 -5.41
N GLY A 340 -11.41 12.21 -6.30
CA GLY A 340 -10.35 12.95 -6.93
C GLY A 340 -9.91 12.34 -8.25
N THR A 341 -10.38 11.14 -8.55
CA THR A 341 -9.99 10.44 -9.80
C THR A 341 -10.86 11.00 -10.94
N SER A 342 -10.22 11.60 -11.93
CA SER A 342 -10.89 12.16 -13.09
C SER A 342 -10.10 11.96 -14.35
N VAL A 343 -10.72 12.34 -15.46
CA VAL A 343 -10.07 12.22 -16.74
C VAL A 343 -8.86 13.18 -16.77
N LYS A 344 -8.92 14.29 -16.01
CA LYS A 344 -7.78 15.15 -15.84
C LYS A 344 -6.67 14.67 -14.90
N THR A 345 -7.04 14.04 -13.79
CA THR A 345 -6.02 13.66 -12.81
C THR A 345 -5.44 12.27 -13.12
N ASN A 346 -6.25 11.40 -13.71
CA ASN A 346 -5.81 10.02 -14.00
C ASN A 346 -6.64 9.35 -15.09
N PRO A 347 -6.44 9.80 -16.33
CA PRO A 347 -7.27 9.27 -17.41
C PRO A 347 -7.06 7.76 -17.57
N ASN A 348 -5.87 7.25 -17.27
CA ASN A 348 -5.64 5.83 -17.44
C ASN A 348 -6.38 5.00 -16.38
N ALA A 349 -6.60 5.54 -15.18
CA ALA A 349 -7.42 4.84 -14.18
C ALA A 349 -8.87 4.80 -14.64
N ILE A 350 -9.35 5.91 -15.22
CA ILE A 350 -10.73 6.04 -15.68
C ILE A 350 -10.95 4.93 -16.66
N LYS A 351 -9.95 4.70 -17.47
CA LYS A 351 -10.05 3.63 -18.47
C LYS A 351 -10.07 2.23 -17.84
N THR A 352 -9.31 2.03 -16.77
CA THR A 352 -9.08 0.72 -16.16
CA THR A 352 -9.18 0.67 -16.30
C THR A 352 -10.33 0.19 -15.44
N ILE A 353 -11.05 1.10 -14.75
CA ILE A 353 -12.03 0.73 -13.80
C ILE A 353 -13.45 0.54 -14.32
N GLN A 354 -13.60 0.45 -15.66
CA GLN A 354 -14.95 0.28 -16.23
C GLN A 354 -15.27 -1.16 -16.57
N LYS A 355 -14.43 -2.05 -16.10
CA LYS A 355 -14.59 -3.44 -16.32
C LYS A 355 -14.05 -4.21 -15.12
N ASN A 356 -14.80 -5.23 -14.68
CA ASN A 356 -14.31 -6.23 -13.72
C ASN A 356 -13.77 -5.61 -12.44
N THR A 357 -14.44 -4.58 -11.96
CA THR A 357 -13.92 -3.73 -10.87
C THR A 357 -14.92 -3.67 -9.74
N ILE A 358 -14.44 -3.70 -8.50
CA ILE A 358 -15.32 -3.63 -7.39
C ILE A 358 -15.05 -2.29 -6.75
N PHE A 359 -16.14 -1.55 -6.48
CA PHE A 359 -16.07 -0.22 -5.87
C PHE A 359 -16.64 -0.33 -4.47
N THR A 360 -16.09 0.47 -3.53
CA THR A 360 -16.57 0.43 -2.20
C THR A 360 -16.78 1.87 -1.67
N ASN A 361 -17.99 2.14 -1.21
CA ASN A 361 -18.36 3.45 -0.56
C ASN A 361 -18.30 4.66 -1.51
N VAL A 362 -18.52 4.41 -2.81
CA VAL A 362 -18.76 5.49 -3.75
C VAL A 362 -20.25 5.68 -3.92
N ALA A 363 -20.62 6.77 -4.59
CA ALA A 363 -21.99 7.02 -4.94
C ALA A 363 -22.35 6.27 -6.19
N GLU A 364 -23.65 6.03 -6.32
CA GLU A 364 -24.20 5.33 -7.47
C GLU A 364 -25.16 6.24 -8.25
N THR A 365 -25.02 6.25 -9.55
CA THR A 365 -25.94 7.04 -10.39
C THR A 365 -27.14 6.15 -10.74
N SER A 366 -28.27 6.80 -11.08
CA SER A 366 -29.51 6.05 -11.28
C SER A 366 -29.47 5.19 -12.55
N ASP A 367 -28.52 5.43 -13.42
CA ASP A 367 -28.27 4.55 -14.56
C ASP A 367 -27.20 3.47 -14.31
N GLY A 368 -26.81 3.31 -13.05
CA GLY A 368 -25.90 2.22 -12.62
C GLY A 368 -24.44 2.55 -12.80
N GLY A 369 -24.11 3.83 -12.70
CA GLY A 369 -22.73 4.30 -12.79
C GLY A 369 -22.22 4.71 -11.44
N VAL A 370 -20.99 5.21 -11.42
CA VAL A 370 -20.35 5.64 -10.16
C VAL A 370 -20.10 7.12 -10.11
N TYR A 371 -20.10 7.66 -8.90
CA TYR A 371 -19.81 9.08 -8.70
C TYR A 371 -19.03 9.28 -7.42
N TRP A 372 -18.22 10.34 -7.41
CA TRP A 372 -17.49 10.81 -6.27
C TRP A 372 -17.04 12.25 -6.44
N GLU A 373 -16.71 12.87 -5.33
CA GLU A 373 -16.10 14.19 -5.31
C GLU A 373 -14.87 14.19 -6.22
N GLY A 374 -14.75 15.20 -7.08
CA GLY A 374 -13.56 15.37 -7.91
C GLY A 374 -13.62 14.57 -9.17
N ILE A 375 -14.73 13.91 -9.45
CA ILE A 375 -14.83 13.11 -10.70
C ILE A 375 -14.83 14.02 -11.95
N ASP A 376 -15.29 15.27 -11.71
CA ASP A 376 -15.09 16.38 -12.67
C ASP A 376 -15.70 16.03 -14.01
N GLU A 377 -16.94 15.53 -13.95
CA GLU A 377 -17.69 15.06 -15.10
C GLU A 377 -19.18 15.28 -14.85
N PRO A 378 -19.89 16.02 -15.73
CA PRO A 378 -21.30 16.29 -15.40
C PRO A 378 -22.23 15.11 -15.65
N LEU A 379 -23.34 15.11 -14.91
CA LEU A 379 -24.39 14.14 -15.13
C LEU A 379 -25.51 14.78 -15.94
N ALA A 380 -26.00 14.04 -16.92
CA ALA A 380 -27.23 14.42 -17.66
C ALA A 380 -28.44 14.53 -16.74
N PRO A 381 -29.19 15.67 -16.75
CA PRO A 381 -30.44 15.78 -15.96
C PRO A 381 -31.35 14.56 -16.18
N GLY A 382 -32.02 14.11 -15.15
CA GLY A 382 -32.65 12.78 -15.20
C GLY A 382 -31.81 11.82 -14.40
N VAL A 383 -30.49 11.85 -14.62
CA VAL A 383 -29.59 10.97 -13.85
C VAL A 383 -29.43 11.51 -12.44
N THR A 384 -29.81 10.71 -11.45
CA THR A 384 -29.78 11.07 -10.05
C THR A 384 -28.72 10.24 -9.30
N ILE A 385 -28.44 10.67 -8.07
CA ILE A 385 -27.34 10.10 -7.28
C ILE A 385 -27.82 9.56 -5.94
N THR A 386 -27.43 8.31 -5.67
CA THR A 386 -27.55 7.73 -4.36
C THR A 386 -26.19 7.82 -3.68
N SER A 387 -26.15 8.40 -2.49
CA SER A 387 -24.89 8.47 -1.78
C SER A 387 -24.41 7.12 -1.25
N TRP A 388 -23.18 7.14 -0.75
CA TRP A 388 -22.52 5.94 -0.21
C TRP A 388 -23.21 5.52 1.08
N LYS A 389 -24.03 6.42 1.62
CA LYS A 389 -24.87 6.07 2.73
C LYS A 389 -26.24 5.55 2.33
N ASN A 390 -26.41 5.24 1.05
CA ASN A 390 -27.65 4.64 0.54
C ASN A 390 -28.87 5.57 0.78
N LYS A 391 -28.68 6.82 0.43
CA LYS A 391 -29.70 7.86 0.47
C LYS A 391 -29.58 8.75 -0.75
N GLU A 392 -30.70 9.34 -1.17
CA GLU A 392 -30.70 10.27 -2.29
C GLU A 392 -29.85 11.48 -1.94
N TRP A 393 -29.08 11.95 -2.92
CA TRP A 393 -28.09 13.00 -2.69
C TRP A 393 -28.14 14.10 -3.76
N ARG A 394 -27.95 15.35 -3.34
CA ARG A 394 -27.82 16.50 -4.26
C ARG A 394 -26.46 17.20 -4.15
N GLU A 399 -22.72 17.34 2.69
CA GLU A 399 -21.77 16.25 2.93
C GLU A 399 -21.48 15.46 1.65
N PRO A 400 -20.27 14.87 1.54
CA PRO A 400 -19.90 14.26 0.25
C PRO A 400 -20.77 13.09 -0.17
N CYS A 401 -20.79 12.81 -1.46
CA CYS A 401 -21.59 11.71 -1.98
C CYS A 401 -20.84 10.38 -1.88
N ALA A 402 -19.52 10.46 -1.84
CA ALA A 402 -18.69 9.27 -1.59
C ALA A 402 -17.85 9.46 -0.35
N HIS A 403 -17.55 8.37 0.36
CA HIS A 403 -16.67 8.46 1.50
C HIS A 403 -15.27 8.92 1.05
N PRO A 404 -14.61 9.82 1.80
CA PRO A 404 -13.28 10.28 1.32
C PRO A 404 -12.24 9.18 1.14
N ASN A 405 -12.40 8.08 1.85
CA ASN A 405 -11.56 6.88 1.65
C ASN A 405 -12.15 5.78 0.78
N SER A 406 -13.15 6.09 -0.02
CA SER A 406 -13.80 5.12 -0.89
C SER A 406 -12.80 4.66 -1.95
N ARG A 407 -13.06 3.50 -2.52
CA ARG A 407 -12.06 2.79 -3.31
C ARG A 407 -12.62 2.18 -4.53
N PHE A 408 -11.71 1.97 -5.46
CA PHE A 408 -11.84 1.00 -6.56
C PHE A 408 -10.83 -0.09 -6.40
N CYS A 409 -11.18 -1.30 -6.87
CA CYS A 409 -10.33 -2.46 -6.71
C CYS A 409 -10.37 -3.14 -8.08
N THR A 410 -9.30 -2.98 -8.82
CA THR A 410 -9.33 -3.26 -10.25
C THR A 410 -8.15 -4.09 -10.69
N PRO A 411 -8.35 -4.98 -11.68
CA PRO A 411 -7.20 -5.78 -12.14
C PRO A 411 -6.06 -5.01 -12.83
N ALA A 412 -4.82 -5.36 -12.50
CA ALA A 412 -3.70 -4.62 -13.02
C ALA A 412 -3.58 -4.87 -14.52
N SER A 413 -3.98 -6.07 -14.92
CA SER A 413 -3.87 -6.44 -16.32
C SER A 413 -4.71 -5.54 -17.25
N GLN A 414 -5.67 -4.82 -16.69
CA GLN A 414 -6.59 -3.96 -17.46
C GLN A 414 -6.10 -2.54 -17.70
N CYS A 415 -5.02 -2.16 -17.04
CA CYS A 415 -4.50 -0.83 -17.21
C CYS A 415 -3.92 -0.76 -18.61
N PRO A 416 -4.36 0.21 -19.40
CA PRO A 416 -3.92 0.26 -20.79
C PRO A 416 -2.46 0.66 -20.91
N ILE A 417 -1.86 1.19 -19.84
CA ILE A 417 -0.43 1.46 -19.81
C ILE A 417 0.33 0.54 -18.84
N ILE A 418 -0.24 -0.63 -18.53
CA ILE A 418 0.49 -1.60 -17.75
C ILE A 418 1.80 -1.98 -18.48
N ASP A 419 2.89 -2.07 -17.70
CA ASP A 419 4.20 -2.23 -18.30
C ASP A 419 4.30 -3.68 -18.81
N PRO A 420 4.95 -3.92 -19.94
CA PRO A 420 5.08 -5.30 -20.42
C PRO A 420 5.86 -6.25 -19.53
N ALA A 421 6.70 -5.71 -18.62
CA ALA A 421 7.41 -6.54 -17.66
C ALA A 421 6.75 -6.48 -16.26
N TRP A 422 5.50 -6.06 -16.16
CA TRP A 422 4.89 -5.88 -14.80
C TRP A 422 4.77 -7.23 -14.07
N GLU A 423 4.85 -8.34 -14.82
CA GLU A 423 4.80 -9.69 -14.28
C GLU A 423 6.02 -10.50 -14.54
N SER A 424 7.09 -9.90 -15.05
CA SER A 424 8.34 -10.66 -15.30
CA SER A 424 8.30 -10.67 -15.29
C SER A 424 8.89 -11.20 -13.99
N PRO A 425 9.22 -12.50 -13.95
CA PRO A 425 9.61 -13.08 -12.68
C PRO A 425 10.91 -12.56 -12.12
N GLU A 426 11.79 -12.05 -13.00
CA GLU A 426 13.07 -11.50 -12.59
C GLU A 426 12.96 -10.10 -12.03
N GLY A 427 11.80 -9.47 -12.15
CA GLY A 427 11.68 -8.06 -11.65
C GLY A 427 12.32 -7.11 -12.68
N VAL A 428 12.18 -5.84 -12.40
CA VAL A 428 12.64 -4.77 -13.19
C VAL A 428 13.77 -4.02 -12.49
N PRO A 429 14.78 -3.54 -13.20
CA PRO A 429 15.94 -2.89 -12.55
C PRO A 429 15.68 -1.45 -12.17
N ILE A 430 15.65 -1.14 -10.87
CA ILE A 430 15.38 0.23 -10.39
C ILE A 430 16.64 1.06 -10.44
N GLU A 431 16.54 2.22 -11.09
CA GLU A 431 17.69 3.08 -11.30
C GLU A 431 17.54 4.41 -10.48
N GLY A 432 16.33 4.68 -9.99
CA GLY A 432 16.07 5.89 -9.13
C GLY A 432 15.02 5.58 -8.10
N ILE A 433 15.11 6.25 -6.91
CA ILE A 433 14.13 6.09 -5.87
C ILE A 433 13.75 7.53 -5.48
N ILE A 434 12.46 7.76 -5.48
CA ILE A 434 11.89 9.11 -5.24
C ILE A 434 11.12 9.10 -3.97
N PHE A 435 11.47 9.99 -3.07
CA PHE A 435 10.69 10.29 -1.91
C PHE A 435 9.93 11.57 -2.17
N GLY A 436 8.88 11.82 -1.38
CA GLY A 436 8.12 13.05 -1.57
C GLY A 436 7.10 13.28 -0.51
N GLY A 437 6.67 14.52 -0.43
CA GLY A 437 5.71 14.88 0.61
C GLY A 437 5.07 16.21 0.20
N ARG A 438 3.90 16.50 0.78
CA ARG A 438 3.17 17.67 0.43
C ARG A 438 3.67 18.80 1.33
N ARG A 439 4.34 19.77 0.73
CA ARG A 439 4.92 20.84 1.54
C ARG A 439 4.59 22.21 0.94
N PRO A 440 3.70 22.95 1.61
CA PRO A 440 3.32 24.25 0.98
C PRO A 440 4.39 25.34 0.97
N ALA A 441 5.38 25.21 1.85
CA ALA A 441 6.45 26.12 1.93
C ALA A 441 7.79 25.42 2.05
N GLY A 442 8.81 26.11 1.57
CA GLY A 442 10.21 25.89 1.92
C GLY A 442 10.96 24.84 1.11
N VAL A 443 10.22 23.83 0.69
CA VAL A 443 10.83 22.66 0.02
C VAL A 443 10.69 22.77 -1.51
N PRO A 444 11.82 22.70 -2.24
CA PRO A 444 11.79 22.80 -3.70
C PRO A 444 11.03 21.68 -4.39
N LEU A 445 10.73 21.89 -5.68
CA LEU A 445 10.02 20.98 -6.56
C LEU A 445 10.71 19.61 -6.60
N VAL A 446 12.01 19.67 -6.75
CA VAL A 446 12.82 18.43 -6.81
C VAL A 446 14.21 18.74 -6.34
N TYR A 447 14.80 17.83 -5.59
CA TYR A 447 16.23 17.81 -5.39
C TYR A 447 16.74 16.39 -5.37
N GLU A 448 18.03 16.27 -5.43
CA GLU A 448 18.70 14.97 -5.52
C GLU A 448 19.64 14.84 -4.35
N ALA A 449 19.66 13.66 -3.73
CA ALA A 449 20.57 13.41 -2.63
C ALA A 449 22.03 13.41 -3.06
N LEU A 450 22.94 13.79 -2.16
CA LEU A 450 24.35 13.96 -2.42
C LEU A 450 25.08 12.61 -2.45
N SER A 451 24.45 11.66 -1.79
CA SER A 451 25.01 10.30 -1.58
CA SER A 451 25.00 10.32 -1.67
C SER A 451 23.93 9.33 -1.20
N TRP A 452 24.26 8.03 -1.15
CA TRP A 452 23.34 7.06 -0.61
C TRP A 452 22.92 7.35 0.80
N GLN A 453 23.90 7.71 1.63
CA GLN A 453 23.67 7.94 3.06
C GLN A 453 22.79 9.17 3.17
N HIS A 454 23.11 10.20 2.41
CA HIS A 454 22.25 11.41 2.41
C HIS A 454 20.80 11.03 1.96
N GLY A 455 20.67 10.17 0.94
CA GLY A 455 19.39 9.73 0.49
C GLY A 455 18.60 8.99 1.54
N VAL A 456 19.21 8.17 2.37
CA VAL A 456 18.52 7.38 3.37
C VAL A 456 18.04 8.45 4.39
N PHE A 457 18.89 9.39 4.62
CA PHE A 457 18.50 10.51 5.55
C PHE A 457 17.25 11.21 4.99
N VAL A 458 17.26 11.55 3.74
CA VAL A 458 16.10 12.19 3.06
C VAL A 458 14.81 11.39 3.29
N GLY A 459 14.83 10.08 3.04
CA GLY A 459 13.72 9.17 3.42
C GLY A 459 13.25 9.38 4.85
N ALA A 460 14.20 9.33 5.79
CA ALA A 460 13.94 9.36 7.23
C ALA A 460 13.33 10.68 7.61
N ALA A 461 13.67 11.72 6.87
CA ALA A 461 13.27 13.10 7.22
C ALA A 461 11.92 13.46 6.61
N MET A 462 11.31 12.58 5.81
CA MET A 462 10.06 12.88 5.08
C MET A 462 8.99 13.46 6.08
N ARG A 463 8.37 14.55 5.63
CA ARG A 463 7.24 15.17 6.31
C ARG A 463 6.20 15.56 5.23
N SER A 464 4.95 15.67 5.64
CA SER A 464 3.89 16.00 4.70
C SER A 464 2.71 16.62 5.44
N GLU A 465 2.07 17.56 4.77
CA GLU A 465 0.91 18.25 5.36
C GLU A 465 -0.25 17.25 5.43
N ALA A 466 -0.83 17.10 6.61
CA ALA A 466 -1.91 16.13 6.77
C ALA A 466 -3.18 16.71 6.21
N THR A 467 -4.09 15.85 5.76
CA THR A 467 -5.38 16.32 5.21
C THR A 467 -6.23 16.89 6.33
N ALA A 468 -6.82 18.05 6.10
CA ALA A 468 -7.63 18.75 7.10
C ALA A 468 -9.00 18.08 7.24
N LYS A 473 -10.19 24.33 12.25
CA LYS A 473 -9.25 24.03 11.17
C LYS A 473 -7.87 24.58 11.49
N GLY A 474 -6.86 23.93 10.92
CA GLY A 474 -5.48 24.34 11.02
C GLY A 474 -4.64 23.24 10.39
N LYS A 475 -3.43 23.57 9.95
CA LYS A 475 -2.60 22.60 9.22
C LYS A 475 -1.50 22.04 10.10
N VAL A 476 -1.16 20.78 9.86
CA VAL A 476 -0.21 20.08 10.67
C VAL A 476 0.74 19.41 9.71
N ILE A 477 2.01 19.51 10.01
CA ILE A 477 3.03 18.84 9.15
C ILE A 477 3.50 17.67 9.95
N MET A 478 3.26 16.45 9.43
CA MET A 478 3.48 15.23 10.18
CA MET A 478 3.51 15.25 10.19
C MET A 478 4.67 14.52 9.56
N HIS A 479 5.40 13.77 10.39
CA HIS A 479 6.49 12.94 9.90
CA HIS A 479 6.51 12.98 9.86
C HIS A 479 5.98 11.65 9.34
N ASP A 480 6.57 11.18 8.23
CA ASP A 480 6.19 9.93 7.68
C ASP A 480 7.41 9.29 6.96
N PRO A 481 8.38 8.85 7.75
CA PRO A 481 9.63 8.39 7.12
C PRO A 481 9.43 7.23 6.13
N PHE A 482 10.00 7.41 4.95
CA PHE A 482 9.98 6.42 3.84
C PHE A 482 8.52 6.14 3.37
N ALA A 483 7.58 6.98 3.84
CA ALA A 483 6.16 6.69 3.72
C ALA A 483 5.72 5.38 4.42
N MET A 484 6.48 5.00 5.41
CA MET A 484 6.30 3.73 6.06
C MET A 484 5.77 3.85 7.46
N ARG A 485 5.46 5.05 7.93
CA ARG A 485 5.14 5.14 9.30
C ARG A 485 4.10 4.13 9.87
N PRO A 486 2.98 3.89 9.16
CA PRO A 486 2.01 2.89 9.58
C PRO A 486 2.33 1.43 9.32
N PHE A 487 3.46 1.21 8.70
CA PHE A 487 3.76 -0.05 8.06
C PHE A 487 5.05 -0.75 8.43
N PHE A 488 5.90 -0.16 9.26
CA PHE A 488 7.12 -0.82 9.69
C PHE A 488 6.86 -2.15 10.35
N GLY A 489 7.48 -3.20 9.84
CA GLY A 489 7.41 -4.51 10.44
C GLY A 489 8.27 -4.74 11.68
N TYR A 490 9.14 -3.78 11.95
CA TYR A 490 10.21 -3.91 12.93
C TYR A 490 10.76 -2.52 13.23
N ASN A 491 11.70 -2.47 14.16
CA ASN A 491 12.32 -1.27 14.65
C ASN A 491 12.89 -0.37 13.52
N PHE A 492 12.42 0.86 13.44
CA PHE A 492 12.77 1.78 12.39
C PHE A 492 14.28 2.08 12.36
N GLY A 493 14.92 2.18 13.54
CA GLY A 493 16.35 2.38 13.62
C GLY A 493 17.06 1.24 12.85
N LYS A 494 16.63 0.01 13.12
CA LYS A 494 17.22 -1.14 12.42
CA LYS A 494 17.20 -1.17 12.43
C LYS A 494 16.93 -1.16 10.92
N TYR A 495 15.75 -0.66 10.53
CA TYR A 495 15.41 -0.48 9.11
C TYR A 495 16.37 0.52 8.44
N LEU A 496 16.60 1.67 9.08
CA LEU A 496 17.65 2.62 8.65
C LEU A 496 18.99 1.94 8.45
N ALA A 497 19.39 1.08 9.40
CA ALA A 497 20.70 0.46 9.36
C ALA A 497 20.67 -0.48 8.18
N HIS A 498 19.53 -1.11 7.99
CA HIS A 498 19.43 -2.10 6.86
C HIS A 498 19.61 -1.37 5.52
N TRP A 499 18.94 -0.24 5.37
CA TRP A 499 19.13 0.55 4.13
C TRP A 499 20.57 1.03 3.95
N LEU A 500 21.22 1.53 5.02
CA LEU A 500 22.58 2.03 5.02
C LEU A 500 23.56 0.89 4.59
N SER A 501 23.24 -0.30 5.04
CA SER A 501 24.11 -1.49 4.76
C SER A 501 24.20 -1.78 3.31
N MET A 502 23.23 -1.33 2.49
CA MET A 502 23.30 -1.67 1.05
C MET A 502 24.55 -1.11 0.35
N ALA A 503 25.07 -0.02 0.88
CA ALA A 503 26.28 0.62 0.38
C ALA A 503 27.49 -0.30 0.49
N HIS A 504 27.41 -1.29 1.38
CA HIS A 504 28.56 -2.15 1.68
C HIS A 504 28.39 -3.53 1.01
N ARG A 505 27.31 -3.70 0.27
CA ARG A 505 26.94 -4.97 -0.32
C ARG A 505 27.74 -5.14 -1.57
N PRO A 506 28.40 -6.31 -1.72
CA PRO A 506 29.24 -6.40 -2.90
C PRO A 506 28.48 -6.21 -4.19
N ALA A 507 29.05 -5.40 -5.08
CA ALA A 507 28.56 -5.16 -6.44
C ALA A 507 27.36 -4.22 -6.57
N ALA A 508 26.78 -3.79 -5.46
CA ALA A 508 25.48 -3.11 -5.53
C ALA A 508 25.56 -1.84 -6.39
N LYS A 509 24.63 -1.69 -7.32
CA LYS A 509 24.48 -0.46 -8.10
C LYS A 509 23.40 0.36 -7.42
N LEU A 510 23.85 1.28 -6.60
CA LEU A 510 22.93 2.05 -5.78
C LEU A 510 22.17 3.09 -6.57
N PRO A 511 20.83 3.02 -6.59
CA PRO A 511 20.13 3.97 -7.41
C PRO A 511 20.22 5.39 -6.84
N LYS A 512 20.03 6.37 -7.72
CA LYS A 512 20.01 7.76 -7.34
CA LYS A 512 20.02 7.77 -7.32
C LYS A 512 18.73 7.97 -6.56
N ILE A 513 18.79 8.86 -5.56
CA ILE A 513 17.65 9.16 -4.70
C ILE A 513 17.31 10.66 -4.87
N PHE A 514 15.99 10.90 -5.00
CA PHE A 514 15.43 12.23 -5.24
C PHE A 514 14.33 12.47 -4.26
N HIS A 515 14.01 13.75 -4.05
CA HIS A 515 12.84 14.11 -3.30
C HIS A 515 12.04 15.12 -4.13
N VAL A 516 10.73 14.91 -4.15
CA VAL A 516 9.79 15.77 -4.89
C VAL A 516 8.76 16.45 -3.95
N ASN A 517 8.18 17.53 -4.47
CA ASN A 517 7.12 18.30 -3.77
C ASN A 517 6.29 18.99 -4.85
N TRP A 518 5.07 18.56 -5.07
CA TRP A 518 4.26 19.19 -6.12
C TRP A 518 3.45 20.36 -5.52
N PHE A 519 3.62 20.61 -4.23
CA PHE A 519 2.63 21.38 -3.45
CA PHE A 519 2.63 21.42 -3.52
C PHE A 519 3.11 22.77 -3.03
N ARG A 520 4.27 23.20 -3.49
CA ARG A 520 4.80 24.47 -2.98
C ARG A 520 3.93 25.64 -3.47
N LYS A 521 3.66 26.57 -2.54
CA LYS A 521 2.84 27.73 -2.87
C LYS A 521 3.67 29.00 -2.69
N ASP A 522 3.37 30.02 -3.49
CA ASP A 522 4.17 31.24 -3.39
C ASP A 522 3.66 32.11 -2.27
N LYS A 523 4.35 33.23 -2.10
CA LYS A 523 4.10 34.22 -1.05
C LYS A 523 2.61 34.56 -0.84
N ASN A 524 1.79 34.38 -1.86
CA ASN A 524 0.34 34.69 -1.77
C ASN A 524 -0.56 33.47 -1.84
N GLY A 525 0.03 32.27 -1.85
CA GLY A 525 -0.75 31.03 -1.87
C GLY A 525 -0.94 30.48 -3.26
N LYS A 526 -0.29 31.08 -4.25
CA LYS A 526 -0.38 30.56 -5.61
C LYS A 526 0.46 29.25 -5.72
N PHE A 527 -0.13 28.16 -6.22
CA PHE A 527 0.67 26.98 -6.67
C PHE A 527 1.78 27.41 -7.63
N LEU A 528 2.98 26.99 -7.32
CA LEU A 528 4.10 27.38 -8.08
C LEU A 528 4.30 26.38 -9.25
N TRP A 529 3.69 25.21 -9.16
CA TRP A 529 3.87 24.12 -10.22
C TRP A 529 2.53 23.57 -10.61
N PRO A 530 2.31 23.41 -11.94
CA PRO A 530 1.00 22.95 -12.41
C PRO A 530 0.75 21.47 -12.26
N GLY A 531 1.79 20.66 -12.07
CA GLY A 531 1.56 19.28 -11.66
C GLY A 531 0.97 18.45 -12.81
N PHE A 532 0.30 17.37 -12.41
CA PHE A 532 -0.28 16.38 -13.29
C PHE A 532 0.75 15.91 -14.30
N GLY A 533 0.39 15.80 -15.56
CA GLY A 533 1.32 15.30 -16.59
C GLY A 533 2.54 16.13 -16.82
N GLU A 534 2.57 17.39 -16.29
CA GLU A 534 3.72 18.24 -16.34
C GLU A 534 4.90 17.76 -15.42
N ASN A 535 4.54 16.85 -14.48
CA ASN A 535 5.49 16.21 -13.60
C ASN A 535 6.42 15.31 -14.44
N SER A 536 6.04 15.00 -15.66
CA SER A 536 6.95 14.34 -16.59
C SER A 536 8.24 15.14 -16.81
N ARG A 537 8.21 16.47 -16.62
CA ARG A 537 9.41 17.27 -16.77
C ARG A 537 10.43 17.04 -15.68
N VAL A 538 9.91 16.75 -14.48
CA VAL A 538 10.72 16.40 -13.34
C VAL A 538 11.36 15.02 -13.64
N LEU A 539 10.53 14.10 -14.07
CA LEU A 539 11.04 12.76 -14.42
C LEU A 539 12.09 12.85 -15.50
N GLU A 540 11.95 13.76 -16.47
CA GLU A 540 12.98 13.98 -17.46
C GLU A 540 14.33 14.38 -16.85
N TRP A 541 14.32 15.31 -15.90
CA TRP A 541 15.49 15.74 -15.27
C TRP A 541 16.18 14.59 -14.50
N MET A 542 15.39 13.81 -13.76
CA MET A 542 15.89 12.68 -13.02
C MET A 542 16.55 11.67 -14.03
N PHE A 543 15.87 11.44 -15.12
CA PHE A 543 16.36 10.51 -16.17
C PHE A 543 17.78 10.92 -16.60
N GLY A 544 17.94 12.18 -16.95
CA GLY A 544 19.24 12.71 -17.30
C GLY A 544 20.27 12.58 -16.24
N ARG A 545 19.90 12.91 -15.00
CA ARG A 545 20.83 12.73 -13.93
C ARG A 545 21.36 11.31 -13.79
N ILE A 546 20.45 10.35 -13.89
CA ILE A 546 20.82 8.93 -13.80
C ILE A 546 21.79 8.58 -14.94
N GLU A 547 21.59 9.18 -16.09
CA GLU A 547 22.53 8.96 -17.24
C GLU A 547 23.88 9.69 -17.07
N GLY A 548 24.03 10.47 -16.02
CA GLY A 548 25.30 11.17 -15.74
C GLY A 548 25.35 12.60 -16.25
N GLU A 549 24.23 13.16 -16.66
CA GLU A 549 24.26 14.51 -17.21
C GLU A 549 24.64 15.51 -16.15
N ASP A 550 25.29 16.57 -16.62
CA ASP A 550 25.84 17.59 -15.78
C ASP A 550 24.80 18.70 -15.57
N SER A 551 23.61 18.34 -15.10
CA SER A 551 22.45 19.25 -15.19
C SER A 551 22.03 19.76 -13.81
N ALA A 552 22.93 19.59 -12.84
CA ALA A 552 22.66 19.90 -11.43
C ALA A 552 23.55 21.01 -10.95
N LYS A 553 23.04 21.70 -9.93
CA LYS A 553 23.86 22.54 -9.09
C LYS A 553 23.68 22.23 -7.61
N LEU A 554 24.75 22.40 -6.86
CA LEU A 554 24.78 22.10 -5.50
C LEU A 554 24.07 23.21 -4.69
N THR A 555 23.32 22.78 -3.69
CA THR A 555 22.71 23.67 -2.70
C THR A 555 22.91 23.00 -1.35
N PRO A 556 22.58 23.68 -0.25
CA PRO A 556 22.66 23.07 1.04
C PRO A 556 21.82 21.80 1.27
N ILE A 557 20.77 21.58 0.49
CA ILE A 557 19.87 20.48 0.73
C ILE A 557 20.16 19.35 -0.25
N GLY A 558 21.06 19.61 -1.17
CA GLY A 558 21.34 18.63 -2.24
C GLY A 558 21.38 19.28 -3.59
N TYR A 559 21.37 18.47 -4.67
CA TYR A 559 21.42 18.98 -6.01
C TYR A 559 20.02 19.38 -6.50
N VAL A 560 19.93 20.49 -7.23
CA VAL A 560 18.74 20.93 -7.91
C VAL A 560 19.12 21.14 -9.38
N PRO A 561 18.13 21.26 -10.23
CA PRO A 561 18.40 21.54 -11.64
C PRO A 561 19.10 22.86 -11.80
N LYS A 562 20.17 22.87 -12.54
CA LYS A 562 20.95 24.09 -12.72
C LYS A 562 20.18 24.98 -13.67
N GLU A 563 20.68 26.19 -13.87
CA GLU A 563 19.91 27.15 -14.69
C GLU A 563 19.61 26.58 -16.08
N ASP A 564 18.33 26.65 -16.48
CA ASP A 564 17.82 26.22 -17.79
C ASP A 564 17.74 24.71 -17.98
N ALA A 565 18.04 23.96 -16.94
CA ALA A 565 18.12 22.49 -17.08
C ALA A 565 16.73 21.87 -17.12
N LEU A 566 15.83 22.42 -16.33
CA LEU A 566 14.49 21.92 -16.30
C LEU A 566 13.75 22.33 -17.58
N ASN A 567 13.13 21.36 -18.25
CA ASN A 567 12.39 21.65 -19.46
C ASN A 567 11.09 22.37 -19.15
N LEU A 568 11.05 23.66 -19.47
CA LEU A 568 9.86 24.46 -19.27
C LEU A 568 9.20 24.88 -20.59
N LYS A 569 9.59 24.23 -21.69
CA LYS A 569 9.01 24.58 -22.99
C LYS A 569 7.53 24.25 -22.96
N GLY A 570 6.73 25.20 -23.41
CA GLY A 570 5.29 25.03 -23.45
C GLY A 570 4.62 25.46 -22.17
N LEU A 571 5.37 25.84 -21.14
CA LEU A 571 4.77 26.23 -19.86
C LEU A 571 4.69 27.74 -19.72
N GLY A 572 5.61 28.45 -20.36
CA GLY A 572 5.67 29.89 -20.27
C GLY A 572 6.63 30.30 -19.18
N ASP A 573 6.30 31.36 -18.45
CA ASP A 573 7.08 31.82 -17.33
C ASP A 573 6.69 30.95 -16.13
N VAL A 574 7.71 30.35 -15.51
CA VAL A 574 7.53 29.62 -14.27
C VAL A 574 8.37 30.31 -13.25
N ASN A 575 7.83 30.49 -12.04
CA ASN A 575 8.55 31.21 -11.04
C ASN A 575 9.54 30.22 -10.40
N VAL A 576 10.58 29.87 -11.14
CA VAL A 576 11.58 28.92 -10.65
C VAL A 576 12.35 29.46 -9.48
N GLU A 577 12.50 30.78 -9.46
CA GLU A 577 13.13 31.46 -8.35
C GLU A 577 12.46 31.11 -7.03
N GLU A 578 11.14 31.21 -6.96
CA GLU A 578 10.44 30.87 -5.74
C GLU A 578 10.31 29.36 -5.57
N LEU A 579 10.07 28.66 -6.67
CA LEU A 579 9.89 27.22 -6.63
C LEU A 579 11.13 26.48 -6.14
N PHE A 580 12.31 26.96 -6.49
CA PHE A 580 13.57 26.38 -6.04
C PHE A 580 14.24 27.18 -4.98
N GLY A 581 13.55 28.20 -4.45
CA GLY A 581 14.16 28.97 -3.37
C GLY A 581 14.48 28.18 -2.09
N ILE A 582 15.64 28.44 -1.51
CA ILE A 582 16.07 27.80 -0.29
C ILE A 582 16.34 28.89 0.76
N SER A 583 15.47 28.96 1.73
CA SER A 583 15.61 29.94 2.81
C SER A 583 16.36 29.37 4.02
N LYS A 584 17.38 30.08 4.47
CA LYS A 584 18.12 29.73 5.66
C LYS A 584 17.25 29.60 6.88
N GLU A 585 16.34 30.56 7.08
CA GLU A 585 15.47 30.49 8.24
C GLU A 585 14.54 29.25 8.21
N PHE A 586 13.96 28.94 7.03
CA PHE A 586 13.09 27.78 6.89
C PHE A 586 13.93 26.50 7.18
N TRP A 587 15.14 26.44 6.61
CA TRP A 587 15.95 25.24 6.77
C TRP A 587 16.56 25.05 8.16
N GLU A 588 16.85 26.16 8.87
CA GLU A 588 17.23 26.07 10.25
C GLU A 588 16.15 25.41 11.12
N LYS A 589 14.90 25.83 10.91
CA LYS A 589 13.77 25.26 11.60
C LYS A 589 13.59 23.81 11.19
N GLU A 590 13.82 23.55 9.92
CA GLU A 590 13.50 22.23 9.42
C GLU A 590 14.43 21.22 10.09
N VAL A 591 15.70 21.51 10.02
CA VAL A 591 16.73 20.63 10.57
C VAL A 591 16.55 20.47 12.07
N GLU A 592 16.14 21.53 12.80
CA GLU A 592 15.81 21.33 14.17
C GLU A 592 14.65 20.34 14.39
N GLU A 593 13.60 20.41 13.57
CA GLU A 593 12.46 19.54 13.80
C GLU A 593 12.82 18.13 13.45
N ILE A 594 13.64 17.99 12.42
CA ILE A 594 14.11 16.63 12.09
C ILE A 594 14.96 16.03 13.23
N ASP A 595 15.89 16.83 13.76
CA ASP A 595 16.71 16.46 14.94
C ASP A 595 15.85 15.99 16.11
N LYS A 596 14.95 16.82 16.59
CA LYS A 596 14.10 16.47 17.68
C LYS A 596 13.36 15.17 17.42
N TYR A 597 12.84 15.02 16.20
CA TYR A 597 12.09 13.84 15.83
C TYR A 597 12.93 12.57 15.86
N LEU A 598 14.08 12.60 15.21
CA LEU A 598 14.92 11.39 15.17
C LEU A 598 15.45 11.04 16.55
N GLU A 599 15.83 12.06 17.34
CA GLU A 599 16.36 11.83 18.67
C GLU A 599 15.32 11.15 19.54
N ASP A 600 14.07 11.64 19.53
CA ASP A 600 13.01 11.05 20.33
C ASP A 600 12.62 9.71 19.79
N GLN A 601 12.22 9.68 18.54
CA GLN A 601 11.54 8.51 18.00
C GLN A 601 12.47 7.36 17.68
N VAL A 602 13.74 7.67 17.40
CA VAL A 602 14.72 6.61 17.04
C VAL A 602 15.73 6.37 18.15
N ASN A 603 16.12 7.45 18.84
CA ASN A 603 16.87 7.33 20.08
C ASN A 603 18.09 6.39 19.96
N ALA A 604 18.18 5.33 20.75
CA ALA A 604 19.44 4.60 20.88
C ALA A 604 19.65 3.78 19.62
N ASP A 605 18.63 3.71 18.81
CA ASP A 605 18.76 2.89 17.56
C ASP A 605 19.02 3.70 16.31
N LEU A 606 19.24 4.99 16.46
CA LEU A 606 19.60 5.85 15.32
C LEU A 606 21.00 5.60 14.83
N PRO A 607 21.15 5.15 13.58
CA PRO A 607 22.50 4.92 13.14
C PRO A 607 23.39 6.17 13.05
N TYR A 608 24.69 5.99 13.38
CA TYR A 608 25.70 6.99 13.24
C TYR A 608 25.62 7.79 11.94
N GLU A 609 25.47 7.10 10.81
CA GLU A 609 25.50 7.78 9.58
C GLU A 609 24.33 8.74 9.38
N ILE A 610 23.19 8.48 10.05
CA ILE A 610 22.03 9.29 9.87
C ILE A 610 22.27 10.50 10.78
N GLU A 611 22.81 10.26 11.95
CA GLU A 611 23.19 11.45 12.79
C GLU A 611 24.23 12.36 12.08
N ARG A 612 25.13 11.74 11.33
CA ARG A 612 26.12 12.49 10.62
C ARG A 612 25.49 13.33 9.50
N GLU A 613 24.50 12.76 8.76
CA GLU A 613 23.85 13.50 7.70
C GLU A 613 23.09 14.69 8.30
N LEU A 614 22.58 14.47 9.47
CA LEU A 614 21.87 15.55 10.17
C LEU A 614 22.87 16.68 10.45
N ARG A 615 24.01 16.33 11.01
CA ARG A 615 25.06 17.33 11.33
C ARG A 615 25.51 18.01 10.04
N ALA A 616 25.74 17.25 8.96
CA ALA A 616 26.15 17.89 7.77
C ALA A 616 25.17 18.87 7.15
N LEU A 617 23.88 18.58 7.24
CA LEU A 617 22.89 19.43 6.69
C LEU A 617 22.88 20.74 7.50
N LYS A 618 22.94 20.52 8.78
CA LYS A 618 22.98 21.66 9.75
CA LYS A 618 22.96 21.67 9.72
C LYS A 618 24.13 22.58 9.38
N GLN A 619 25.27 21.97 9.04
CA GLN A 619 26.47 22.69 8.76
C GLN A 619 26.34 23.44 7.44
N ARG A 620 25.83 22.77 6.40
CA ARG A 620 25.64 23.43 5.13
C ARG A 620 24.70 24.64 5.23
N ILE A 621 23.65 24.46 5.99
CA ILE A 621 22.68 25.53 6.23
C ILE A 621 23.35 26.68 6.97
N SER A 622 24.19 26.36 7.94
CA SER A 622 24.81 27.40 8.76
C SER A 622 25.73 28.30 7.93
N GLN A 623 26.23 27.81 6.81
CA GLN A 623 27.14 28.53 5.95
C GLN A 623 26.47 29.39 4.88
N MET A 624 25.14 29.30 4.78
CA MET A 624 24.34 30.22 3.96
C MET A 624 24.40 31.65 4.49
#